data_1WAW
#
_entry.id   1WAW
#
_cell.length_a   45.293
_cell.length_b   47.539
_cell.length_c   84.630
_cell.angle_alpha   90.00
_cell.angle_beta   102.20
_cell.angle_gamma   90.00
#
_symmetry.space_group_name_H-M   'P 1 21 1'
#
loop_
_entity.id
_entity.type
_entity.pdbx_description
1 polymer 'CHITOTRIOSIDASE 1'
2 polymer ARGADIN
3 non-polymer GLYCEROL
4 non-polymer 'ISOPROPYL ALCOHOL'
5 non-polymer 'SULFATE ION'
6 water water
#
loop_
_entity_poly.entity_id
_entity_poly.type
_entity_poly.pdbx_seq_one_letter_code
_entity_poly.pdbx_strand_id
1 'polypeptide(L)'
;AKLVCYFTNWAQYRQGEARFLPKDLDPSLCTHLIYAFAGMTNHQLSTTEWNDETLYQEFNGLKKMNPKLKTLLAIGGWNF
GTQKFTDMVATANNRQTFVNSAIRFLRKYSFDGLDLDWEYPGSQGSPAVDKERFTTLVQDLANAFQQEAQTSGKERLLLS
AAVPAGQTYVDAGYEVDKIAQNLDFVNLMAYDFHGSWEKVTGHNSPLYKRQEESGAAASLNVDAAVQQWLQKGTPASKLI
LGMPTYGRSFTLASSSDTRVGAPATGSGTPGPFTKEGGMLAYYEVCSWKGATKQRIQDQKVPYIFRDNQWVGFDDVESFK
TKVSYLKQKGLGGAMVWALDLDDFAGFSCNQGRYPLIQTLRQELSLPYLPSGTPELEVPKPGQPSEPEHGPSPGQDTFCQ
GKADGLYPNPRERSSFYSCAAGRLFQQSCPTGLVFSNSCKCCTWN
;
A
2 'polypeptide(L)' (0AR)(DPR)(HSE)H(UN1) B
#
loop_
_chem_comp.id
_chem_comp.type
_chem_comp.name
_chem_comp.formula
GOL non-polymer GLYCEROL 'C3 H8 O3'
IPA non-polymer 'ISOPROPYL ALCOHOL' 'C3 H8 O'
SO4 non-polymer 'SULFATE ION' 'O4 S -2'
#
# COMPACT_ATOMS: atom_id res chain seq x y z
N ALA A 1 -5.36 9.44 15.51
CA ALA A 1 -4.94 9.15 14.11
C ALA A 1 -4.43 7.72 13.96
N LYS A 2 -4.67 7.16 12.79
CA LYS A 2 -4.24 5.80 12.48
C LYS A 2 -2.89 5.77 11.80
N LEU A 3 -2.14 4.70 12.04
CA LEU A 3 -0.87 4.46 11.37
C LEU A 3 -1.02 2.99 10.95
N VAL A 4 -1.44 2.79 9.70
CA VAL A 4 -1.70 1.47 9.13
C VAL A 4 -0.45 0.95 8.41
N CYS A 5 0.08 -0.18 8.88
CA CYS A 5 1.31 -0.73 8.30
C CYS A 5 1.15 -2.09 7.64
N TYR A 6 1.62 -2.21 6.41
CA TYR A 6 1.55 -3.47 5.69
C TYR A 6 2.74 -4.38 5.93
N PHE A 7 2.44 -5.65 6.21
CA PHE A 7 3.43 -6.69 6.44
C PHE A 7 3.32 -7.54 5.17
N THR A 8 4.42 -8.12 4.70
CA THR A 8 4.32 -8.97 3.51
C THR A 8 4.83 -10.37 3.84
N ASN A 9 4.08 -11.39 3.43
CA ASN A 9 4.45 -12.76 3.76
C ASN A 9 5.52 -13.41 2.88
N TRP A 10 6.13 -12.63 2.00
CA TRP A 10 7.21 -13.17 1.17
C TRP A 10 8.55 -12.55 1.56
N ALA A 11 8.51 -11.58 2.48
CA ALA A 11 9.75 -10.93 2.93
C ALA A 11 10.60 -11.93 3.73
N GLN A 12 9.95 -12.99 4.19
CA GLN A 12 10.62 -14.03 4.98
C GLN A 12 11.65 -14.78 4.15
N TYR A 13 11.64 -14.58 2.84
CA TYR A 13 12.57 -15.27 1.95
C TYR A 13 13.75 -14.41 1.51
N ARG A 14 13.80 -13.17 2.00
CA ARG A 14 14.91 -12.29 1.65
C ARG A 14 16.15 -12.78 2.40
N GLN A 15 17.31 -12.54 1.81
CA GLN A 15 18.57 -12.99 2.39
C GLN A 15 19.13 -12.12 3.51
N GLY A 16 19.94 -12.76 4.35
CA GLY A 16 20.59 -12.07 5.45
C GLY A 16 19.76 -11.13 6.29
N GLU A 17 20.28 -9.93 6.48
CA GLU A 17 19.63 -8.92 7.30
C GLU A 17 18.33 -8.35 6.72
N ALA A 18 18.02 -8.72 5.48
CA ALA A 18 16.79 -8.25 4.84
C ALA A 18 15.59 -9.16 5.13
N ARG A 19 15.85 -10.35 5.66
CA ARG A 19 14.77 -11.28 5.97
C ARG A 19 13.85 -10.68 7.03
N PHE A 20 12.53 -10.76 6.78
CA PHE A 20 11.56 -10.19 7.71
C PHE A 20 10.48 -11.19 8.11
N LEU A 21 10.33 -11.39 9.43
CA LEU A 21 9.34 -12.29 10.00
C LEU A 21 8.53 -11.53 11.06
N PRO A 22 7.42 -12.12 11.54
CA PRO A 22 6.63 -11.41 12.56
C PRO A 22 7.43 -10.96 13.78
N LYS A 23 8.48 -11.70 14.13
CA LYS A 23 9.32 -11.38 15.28
C LYS A 23 10.04 -10.04 15.11
N ASP A 24 10.15 -9.60 13.85
CA ASP A 24 10.82 -8.34 13.54
C ASP A 24 9.91 -7.13 13.58
N LEU A 25 8.64 -7.36 13.87
CA LEU A 25 7.69 -6.26 13.94
C LEU A 25 7.67 -5.62 15.33
N ASP A 26 7.74 -4.30 15.37
CA ASP A 26 7.69 -3.54 16.62
C ASP A 26 6.20 -3.45 16.96
N PRO A 27 5.76 -4.17 17.99
CA PRO A 27 4.35 -4.19 18.42
C PRO A 27 3.70 -2.83 18.65
N SER A 28 4.49 -1.85 19.08
CA SER A 28 3.96 -0.52 19.39
C SER A 28 4.17 0.55 18.31
N LEU A 29 4.73 0.15 17.18
CA LEU A 29 5.00 1.10 16.10
C LEU A 29 3.77 1.65 15.38
N CYS A 30 2.85 0.76 15.01
CA CYS A 30 1.64 1.11 14.27
C CYS A 30 0.37 0.87 15.07
N THR A 31 -0.75 1.40 14.59
CA THR A 31 -2.03 1.20 15.27
C THR A 31 -2.76 0.03 14.64
N HIS A 32 -2.52 -0.16 13.34
CA HIS A 32 -3.13 -1.26 12.58
C HIS A 32 -2.07 -1.95 11.72
N LEU A 33 -2.09 -3.28 11.72
CA LEU A 33 -1.16 -4.05 10.90
C LEU A 33 -2.00 -4.82 9.89
N ILE A 34 -1.60 -4.79 8.63
CA ILE A 34 -2.31 -5.52 7.59
C ILE A 34 -1.39 -6.54 6.96
N TYR A 35 -1.84 -7.80 6.97
CA TYR A 35 -1.08 -8.93 6.45
C TYR A 35 -1.31 -9.14 4.96
N ALA A 36 -0.28 -8.95 4.14
CA ALA A 36 -0.40 -9.14 2.69
C ALA A 36 0.37 -10.42 2.30
N PHE A 37 -0.23 -11.33 1.53
CA PHE A 37 -1.60 -11.27 1.02
C PHE A 37 -2.22 -12.66 1.18
N ALA A 38 -3.55 -12.70 1.22
CA ALA A 38 -4.27 -13.96 1.25
C ALA A 38 -4.75 -14.12 -0.18
N GLY A 39 -5.20 -15.32 -0.54
CA GLY A 39 -5.68 -15.58 -1.88
C GLY A 39 -7.11 -16.08 -1.86
N MET A 40 -7.50 -16.81 -2.90
CA MET A 40 -8.86 -17.31 -3.00
C MET A 40 -8.88 -18.65 -3.74
N THR A 41 -9.64 -19.60 -3.22
CA THR A 41 -9.76 -20.91 -3.83
C THR A 41 -11.24 -21.30 -3.82
N ASN A 42 -11.79 -21.47 -5.01
CA ASN A 42 -13.21 -21.80 -5.14
C ASN A 42 -14.09 -20.80 -4.40
N HIS A 43 -13.77 -19.51 -4.60
CA HIS A 43 -14.49 -18.39 -4.00
C HIS A 43 -14.35 -18.24 -2.48
N GLN A 44 -13.41 -18.95 -1.89
CA GLN A 44 -13.17 -18.88 -0.45
C GLN A 44 -11.77 -18.38 -0.12
N LEU A 45 -11.68 -17.58 0.93
CA LEU A 45 -10.40 -17.03 1.36
C LEU A 45 -9.40 -18.16 1.64
N SER A 46 -8.16 -18.02 1.16
CA SER A 46 -7.16 -19.07 1.38
C SER A 46 -5.75 -18.50 1.54
N THR A 47 -4.86 -19.31 2.11
CA THR A 47 -3.47 -18.89 2.32
C THR A 47 -2.70 -18.89 1.01
N THR A 48 -1.56 -18.21 0.98
CA THR A 48 -0.73 -18.15 -0.22
C THR A 48 0.69 -18.68 0.01
N GLU A 49 1.09 -18.80 1.27
CA GLU A 49 2.42 -19.33 1.60
C GLU A 49 2.24 -20.57 2.48
N TRP A 50 3.15 -21.53 2.32
CA TRP A 50 3.06 -22.80 3.06
C TRP A 50 2.98 -22.68 4.58
N ASN A 51 3.58 -21.63 5.15
CA ASN A 51 3.57 -21.46 6.58
C ASN A 51 2.69 -20.31 7.08
N ASP A 52 1.75 -19.87 6.25
CA ASP A 52 0.87 -18.77 6.65
C ASP A 52 0.11 -19.04 7.95
N GLU A 53 -0.37 -20.26 8.15
CA GLU A 53 -1.13 -20.53 9.37
C GLU A 53 -0.30 -20.26 10.61
N THR A 54 0.99 -20.56 10.54
CA THR A 54 1.87 -20.33 11.67
C THR A 54 2.20 -18.85 11.77
N LEU A 55 2.45 -18.21 10.63
CA LEU A 55 2.74 -16.79 10.63
C LEU A 55 1.54 -15.99 11.12
N TYR A 56 0.33 -16.42 10.76
CA TYR A 56 -0.88 -15.74 11.22
C TYR A 56 -0.92 -15.67 12.75
N GLN A 57 -0.59 -16.79 13.39
CA GLN A 57 -0.60 -16.90 14.84
C GLN A 57 0.43 -15.98 15.48
N GLU A 58 1.62 -15.89 14.90
CA GLU A 58 2.67 -15.03 15.43
C GLU A 58 2.28 -13.57 15.24
N PHE A 59 1.74 -13.28 14.06
CA PHE A 59 1.30 -11.93 13.68
C PHE A 59 0.24 -11.43 14.64
N ASN A 60 -0.85 -12.18 14.80
CA ASN A 60 -1.89 -11.75 15.70
C ASN A 60 -1.46 -11.88 17.16
N GLY A 61 -0.39 -12.65 17.39
CA GLY A 61 0.12 -12.81 18.74
C GLY A 61 0.80 -11.53 19.21
N LEU A 62 1.04 -10.59 18.29
CA LEU A 62 1.68 -9.34 18.67
C LEU A 62 0.74 -8.58 19.59
N LYS A 63 -0.55 -8.88 19.50
CA LYS A 63 -1.54 -8.22 20.32
C LYS A 63 -1.44 -8.58 21.80
N LYS A 64 -0.60 -9.57 22.13
CA LYS A 64 -0.43 -9.95 23.52
C LYS A 64 0.51 -8.94 24.17
N MET A 65 1.37 -8.35 23.35
CA MET A 65 2.30 -7.34 23.83
C MET A 65 1.65 -5.97 23.80
N ASN A 66 0.88 -5.70 22.75
CA ASN A 66 0.16 -4.43 22.60
C ASN A 66 -1.32 -4.74 22.31
N PRO A 67 -2.14 -4.85 23.36
CA PRO A 67 -3.58 -5.14 23.28
C PRO A 67 -4.43 -4.17 22.46
N LYS A 68 -3.93 -2.95 22.24
CA LYS A 68 -4.66 -1.96 21.49
C LYS A 68 -4.52 -2.16 19.99
N LEU A 69 -3.48 -2.89 19.60
CA LEU A 69 -3.19 -3.17 18.19
C LEU A 69 -4.33 -3.91 17.48
N LYS A 70 -4.62 -3.49 16.25
CA LYS A 70 -5.66 -4.15 15.45
C LYS A 70 -4.97 -4.74 14.22
N THR A 71 -5.39 -5.92 13.80
CA THR A 71 -4.79 -6.55 12.63
C THR A 71 -5.86 -6.85 11.59
N LEU A 72 -5.45 -6.87 10.32
CA LEU A 72 -6.37 -7.18 9.24
C LEU A 72 -5.62 -8.07 8.25
N LEU A 73 -6.37 -8.85 7.47
CA LEU A 73 -5.76 -9.71 6.47
C LEU A 73 -6.13 -9.12 5.12
N ALA A 74 -5.14 -8.91 4.24
CA ALA A 74 -5.41 -8.33 2.93
C ALA A 74 -5.51 -9.41 1.86
N ILE A 75 -6.51 -9.30 1.00
CA ILE A 75 -6.63 -10.28 -0.08
C ILE A 75 -6.40 -9.60 -1.42
N GLY A 76 -5.59 -10.24 -2.26
CA GLY A 76 -5.34 -9.68 -3.58
C GLY A 76 -3.89 -9.43 -3.92
N GLY A 77 -3.63 -8.23 -4.43
CA GLY A 77 -2.28 -7.88 -4.83
C GLY A 77 -2.16 -7.99 -6.34
N TRP A 78 -1.04 -7.58 -6.90
CA TRP A 78 -0.90 -7.61 -8.35
C TRP A 78 -0.91 -9.00 -8.98
N ASN A 79 -0.03 -9.87 -8.49
CA ASN A 79 0.08 -11.23 -9.01
C ASN A 79 -1.22 -12.04 -8.93
N PHE A 80 -2.06 -11.73 -7.95
CA PHE A 80 -3.32 -12.45 -7.78
C PHE A 80 -4.22 -12.26 -9.00
N GLY A 81 -4.06 -11.13 -9.67
CA GLY A 81 -4.87 -10.86 -10.85
C GLY A 81 -6.28 -10.40 -10.53
N THR A 82 -7.16 -10.50 -11.51
CA THR A 82 -8.55 -10.06 -11.33
C THR A 82 -9.60 -11.12 -11.56
N GLN A 83 -9.25 -12.15 -12.33
CA GLN A 83 -10.23 -13.18 -12.67
C GLN A 83 -10.98 -13.80 -11.51
N LYS A 84 -10.27 -14.12 -10.42
CA LYS A 84 -10.93 -14.73 -9.28
C LYS A 84 -11.90 -13.75 -8.60
N PHE A 85 -11.56 -12.47 -8.61
CA PHE A 85 -12.47 -11.49 -8.02
C PHE A 85 -13.70 -11.38 -8.91
N THR A 86 -13.48 -11.25 -10.22
CA THR A 86 -14.57 -11.13 -11.18
C THR A 86 -15.55 -12.31 -11.09
N ASP A 87 -15.03 -13.53 -11.02
CA ASP A 87 -15.88 -14.72 -10.93
C ASP A 87 -16.65 -14.79 -9.63
N MET A 88 -15.99 -14.39 -8.55
CA MET A 88 -16.61 -14.42 -7.22
C MET A 88 -17.73 -13.39 -7.05
N VAL A 89 -17.55 -12.19 -7.60
CA VAL A 89 -18.56 -11.15 -7.44
C VAL A 89 -19.70 -11.26 -8.47
N ALA A 90 -19.54 -12.16 -9.44
CA ALA A 90 -20.54 -12.33 -10.50
C ALA A 90 -21.94 -12.75 -10.04
N THR A 91 -22.00 -13.58 -9.00
CA THR A 91 -23.29 -14.05 -8.47
C THR A 91 -23.41 -13.87 -6.96
N ALA A 92 -24.65 -13.71 -6.49
CA ALA A 92 -24.91 -13.53 -5.09
C ALA A 92 -24.45 -14.76 -4.31
N ASN A 93 -24.61 -15.94 -4.89
CA ASN A 93 -24.20 -17.18 -4.25
C ASN A 93 -22.69 -17.21 -4.03
N ASN A 94 -21.94 -16.83 -5.07
CA ASN A 94 -20.48 -16.81 -4.96
C ASN A 94 -20.02 -15.78 -3.93
N ARG A 95 -20.70 -14.63 -3.90
CA ARG A 95 -20.33 -13.59 -2.94
C ARG A 95 -20.62 -14.05 -1.51
N GLN A 96 -21.69 -14.80 -1.32
CA GLN A 96 -22.01 -15.30 0.01
C GLN A 96 -20.96 -16.30 0.44
N THR A 97 -20.56 -17.17 -0.49
CA THR A 97 -19.55 -18.17 -0.21
C THR A 97 -18.28 -17.47 0.28
N PHE A 98 -17.90 -16.41 -0.41
CA PHE A 98 -16.70 -15.67 -0.04
C PHE A 98 -16.86 -14.98 1.31
N VAL A 99 -17.96 -14.23 1.45
CA VAL A 99 -18.21 -13.51 2.70
C VAL A 99 -18.21 -14.44 3.91
N ASN A 100 -18.88 -15.58 3.80
CA ASN A 100 -18.89 -16.49 4.93
C ASN A 100 -17.52 -17.14 5.17
N SER A 101 -16.76 -17.36 4.10
CA SER A 101 -15.44 -17.96 4.27
C SER A 101 -14.51 -16.94 4.93
N ALA A 102 -14.73 -15.66 4.62
CA ALA A 102 -13.91 -14.60 5.19
C ALA A 102 -14.16 -14.47 6.69
N ILE A 103 -15.43 -14.47 7.10
CA ILE A 103 -15.70 -14.36 8.53
C ILE A 103 -15.05 -15.52 9.28
N ARG A 104 -15.28 -16.75 8.82
CA ARG A 104 -14.71 -17.92 9.47
C ARG A 104 -13.19 -17.85 9.57
N PHE A 105 -12.54 -17.47 8.46
CA PHE A 105 -11.08 -17.39 8.36
C PHE A 105 -10.50 -16.36 9.33
N LEU A 106 -11.10 -15.17 9.35
CA LEU A 106 -10.64 -14.10 10.21
C LEU A 106 -10.85 -14.44 11.68
N ARG A 107 -12.00 -15.02 12.01
CA ARG A 107 -12.24 -15.38 13.40
C ARG A 107 -11.33 -16.54 13.82
N LYS A 108 -11.12 -17.49 12.92
CA LYS A 108 -10.28 -18.64 13.23
C LYS A 108 -8.85 -18.26 13.58
N TYR A 109 -8.28 -17.34 12.80
CA TYR A 109 -6.90 -16.92 13.00
C TYR A 109 -6.69 -15.66 13.84
N SER A 110 -7.79 -15.11 14.35
CA SER A 110 -7.75 -13.93 15.21
C SER A 110 -7.38 -12.61 14.55
N PHE A 111 -7.89 -12.40 13.35
CA PHE A 111 -7.68 -11.14 12.62
C PHE A 111 -8.86 -10.26 12.99
N ASP A 112 -8.65 -8.96 13.06
CA ASP A 112 -9.74 -8.04 13.41
C ASP A 112 -10.47 -7.47 12.20
N GLY A 113 -10.03 -7.84 11.01
CA GLY A 113 -10.69 -7.31 9.83
C GLY A 113 -10.14 -7.81 8.51
N LEU A 114 -10.78 -7.38 7.43
CA LEU A 114 -10.41 -7.74 6.07
C LEU A 114 -10.05 -6.48 5.26
N ASP A 115 -8.97 -6.55 4.49
CA ASP A 115 -8.55 -5.43 3.63
C ASP A 115 -8.64 -5.95 2.20
N LEU A 116 -9.37 -5.23 1.35
CA LEU A 116 -9.54 -5.65 -0.05
C LEU A 116 -8.47 -5.00 -0.93
N ASP A 117 -7.67 -5.81 -1.61
CA ASP A 117 -6.60 -5.30 -2.47
C ASP A 117 -6.74 -5.79 -3.91
N TRP A 118 -7.94 -5.65 -4.46
CA TRP A 118 -8.22 -6.05 -5.83
C TRP A 118 -7.57 -5.02 -6.74
N GLU A 119 -6.69 -5.47 -7.63
CA GLU A 119 -6.01 -4.56 -8.55
C GLU A 119 -6.32 -4.90 -10.01
N TYR A 120 -7.42 -4.39 -10.56
CA TYR A 120 -8.38 -3.49 -9.88
C TYR A 120 -9.74 -3.77 -10.51
N PRO A 121 -10.82 -3.42 -9.80
CA PRO A 121 -12.11 -3.68 -10.44
C PRO A 121 -12.19 -2.71 -11.62
N GLY A 122 -12.66 -3.21 -12.77
CA GLY A 122 -12.77 -2.38 -13.95
C GLY A 122 -11.50 -2.27 -14.77
N SER A 123 -10.37 -2.73 -14.23
CA SER A 123 -9.10 -2.66 -14.95
C SER A 123 -8.30 -3.96 -14.92
N GLN A 124 -7.18 -3.98 -15.63
CA GLN A 124 -6.32 -5.17 -15.66
C GLN A 124 -7.08 -6.42 -16.04
N GLY A 125 -8.01 -6.29 -16.98
CA GLY A 125 -8.78 -7.45 -17.41
C GLY A 125 -10.19 -7.54 -16.85
N SER A 126 -10.42 -6.91 -15.70
CA SER A 126 -11.73 -6.90 -15.06
C SER A 126 -12.68 -6.02 -15.88
N PRO A 127 -13.89 -6.54 -16.21
CA PRO A 127 -14.88 -5.79 -17.01
C PRO A 127 -15.59 -4.66 -16.28
N ALA A 128 -16.21 -3.77 -17.05
CA ALA A 128 -16.91 -2.61 -16.50
C ALA A 128 -17.94 -2.94 -15.41
N VAL A 129 -18.66 -4.05 -15.56
CA VAL A 129 -19.66 -4.39 -14.56
C VAL A 129 -19.05 -4.59 -13.18
N ASP A 130 -17.75 -4.85 -13.13
CA ASP A 130 -17.08 -5.06 -11.84
C ASP A 130 -17.00 -3.81 -10.98
N LYS A 131 -17.21 -2.64 -11.59
CA LYS A 131 -17.19 -1.40 -10.82
C LYS A 131 -18.37 -1.43 -9.85
N GLU A 132 -19.55 -1.82 -10.34
CA GLU A 132 -20.71 -1.87 -9.47
C GLU A 132 -20.77 -3.15 -8.65
N ARG A 133 -20.20 -4.23 -9.17
CA ARG A 133 -20.20 -5.49 -8.42
C ARG A 133 -19.22 -5.37 -7.25
N PHE A 134 -18.23 -4.48 -7.37
CA PHE A 134 -17.27 -4.28 -6.28
C PHE A 134 -18.08 -3.58 -5.17
N THR A 135 -18.94 -2.65 -5.57
CA THR A 135 -19.78 -1.94 -4.61
C THR A 135 -20.68 -2.95 -3.89
N THR A 136 -21.23 -3.90 -4.64
CA THR A 136 -22.11 -4.91 -4.05
C THR A 136 -21.33 -5.79 -3.07
N LEU A 137 -20.12 -6.17 -3.45
CA LEU A 137 -19.25 -6.98 -2.59
C LEU A 137 -18.98 -6.27 -1.27
N VAL A 138 -18.68 -4.99 -1.34
CA VAL A 138 -18.40 -4.19 -0.14
C VAL A 138 -19.65 -4.11 0.74
N GLN A 139 -20.81 -3.97 0.11
CA GLN A 139 -22.08 -3.90 0.84
C GLN A 139 -22.37 -5.26 1.49
N ASP A 140 -22.11 -6.33 0.73
CA ASP A 140 -22.34 -7.69 1.22
C ASP A 140 -21.49 -7.96 2.45
N LEU A 141 -20.22 -7.53 2.40
CA LEU A 141 -19.31 -7.73 3.52
C LEU A 141 -19.71 -6.87 4.72
N ALA A 142 -20.07 -5.62 4.48
CA ALA A 142 -20.48 -4.74 5.57
C ALA A 142 -21.71 -5.32 6.25
N ASN A 143 -22.68 -5.78 5.45
CA ASN A 143 -23.90 -6.37 5.97
C ASN A 143 -23.56 -7.58 6.85
N ALA A 144 -22.77 -8.50 6.30
CA ALA A 144 -22.38 -9.72 7.01
C ALA A 144 -21.62 -9.48 8.30
N PHE A 145 -20.69 -8.53 8.28
CA PHE A 145 -19.89 -8.20 9.45
C PHE A 145 -20.78 -7.59 10.53
N GLN A 146 -21.71 -6.74 10.10
CA GLN A 146 -22.63 -6.11 11.05
C GLN A 146 -23.50 -7.20 11.68
N GLN A 147 -23.99 -8.10 10.84
CA GLN A 147 -24.84 -9.18 11.33
C GLN A 147 -24.09 -10.11 12.29
N GLU A 148 -22.86 -10.48 11.94
CA GLU A 148 -22.09 -11.37 12.79
C GLU A 148 -21.75 -10.75 14.14
N ALA A 149 -21.46 -9.45 14.15
CA ALA A 149 -21.15 -8.77 15.40
C ALA A 149 -22.39 -8.80 16.30
N GLN A 150 -23.55 -8.66 15.67
CA GLN A 150 -24.81 -8.67 16.40
C GLN A 150 -25.18 -10.05 16.93
N THR A 151 -25.02 -11.09 16.12
CA THR A 151 -25.37 -12.45 16.54
C THR A 151 -24.35 -13.08 17.50
N SER A 152 -23.09 -12.66 17.39
CA SER A 152 -22.04 -13.22 18.23
C SER A 152 -21.65 -12.39 19.42
N GLY A 153 -21.96 -11.09 19.40
CA GLY A 153 -21.58 -10.22 20.50
C GLY A 153 -20.12 -9.83 20.43
N LYS A 154 -19.41 -10.30 19.41
CA LYS A 154 -17.99 -9.97 19.24
C LYS A 154 -17.85 -8.58 18.62
N GLU A 155 -16.68 -7.96 18.77
CA GLU A 155 -16.45 -6.66 18.15
C GLU A 155 -16.57 -6.84 16.64
N ARG A 156 -17.29 -5.94 15.98
CA ARG A 156 -17.47 -6.03 14.54
C ARG A 156 -16.16 -6.07 13.76
N LEU A 157 -16.06 -6.98 12.81
CA LEU A 157 -14.86 -7.10 11.97
C LEU A 157 -14.75 -5.83 11.15
N LEU A 158 -13.52 -5.35 10.99
CA LEU A 158 -13.25 -4.14 10.21
C LEU A 158 -13.16 -4.47 8.74
N LEU A 159 -13.47 -3.49 7.89
CA LEU A 159 -13.39 -3.67 6.45
C LEU A 159 -12.71 -2.44 5.85
N SER A 160 -11.61 -2.66 5.14
CA SER A 160 -10.90 -1.56 4.50
C SER A 160 -10.56 -2.00 3.09
N ALA A 161 -9.98 -1.10 2.31
CA ALA A 161 -9.59 -1.42 0.95
C ALA A 161 -8.41 -0.56 0.56
N ALA A 162 -7.49 -1.16 -0.20
CA ALA A 162 -6.32 -0.46 -0.70
C ALA A 162 -6.79 0.00 -2.06
N VAL A 163 -6.87 1.31 -2.26
CA VAL A 163 -7.40 1.89 -3.50
C VAL A 163 -6.37 2.71 -4.28
N PRO A 164 -6.52 2.76 -5.60
CA PRO A 164 -5.59 3.52 -6.44
C PRO A 164 -5.79 5.03 -6.40
N ALA A 165 -4.71 5.75 -6.74
CA ALA A 165 -4.71 7.21 -6.75
C ALA A 165 -5.02 7.76 -8.14
N GLY A 166 -4.60 7.04 -9.17
CA GLY A 166 -4.81 7.44 -10.55
C GLY A 166 -6.26 7.58 -10.96
N GLN A 167 -6.60 8.75 -11.50
CA GLN A 167 -7.97 9.03 -11.93
C GLN A 167 -8.55 7.97 -12.85
N THR A 168 -7.74 7.47 -13.77
CA THR A 168 -8.19 6.46 -14.71
C THR A 168 -8.72 5.22 -13.99
N TYR A 169 -7.95 4.72 -13.03
CA TYR A 169 -8.36 3.55 -12.26
C TYR A 169 -9.57 3.83 -11.39
N VAL A 170 -9.59 4.99 -10.75
CA VAL A 170 -10.70 5.36 -9.87
C VAL A 170 -12.02 5.44 -10.65
N ASP A 171 -12.01 6.12 -11.80
CA ASP A 171 -13.20 6.26 -12.63
C ASP A 171 -13.69 4.92 -13.19
N ALA A 172 -12.77 4.04 -13.57
CA ALA A 172 -13.16 2.75 -14.13
C ALA A 172 -13.70 1.74 -13.13
N GLY A 173 -13.31 1.84 -11.86
CA GLY A 173 -13.80 0.82 -10.95
C GLY A 173 -14.35 1.17 -9.58
N TYR A 174 -14.41 2.44 -9.22
CA TYR A 174 -14.86 2.76 -7.88
C TYR A 174 -15.99 3.76 -7.71
N GLU A 175 -17.11 3.31 -7.16
CA GLU A 175 -18.22 4.21 -6.87
C GLU A 175 -17.87 4.67 -5.46
N VAL A 176 -16.96 5.64 -5.42
CA VAL A 176 -16.42 6.18 -4.16
C VAL A 176 -17.43 6.52 -3.08
N ASP A 177 -18.44 7.32 -3.42
CA ASP A 177 -19.42 7.71 -2.43
C ASP A 177 -20.11 6.52 -1.79
N LYS A 178 -20.47 5.54 -2.63
CA LYS A 178 -21.15 4.35 -2.12
C LYS A 178 -20.28 3.47 -1.22
N ILE A 179 -19.10 3.07 -1.72
CA ILE A 179 -18.24 2.20 -0.92
C ILE A 179 -17.68 2.84 0.35
N ALA A 180 -17.45 4.15 0.30
CA ALA A 180 -16.91 4.85 1.46
C ALA A 180 -17.81 4.74 2.68
N GLN A 181 -19.12 4.69 2.47
CA GLN A 181 -20.07 4.56 3.58
C GLN A 181 -19.94 3.22 4.29
N ASN A 182 -19.49 2.19 3.56
CA ASN A 182 -19.35 0.85 4.11
C ASN A 182 -17.96 0.43 4.57
N LEU A 183 -16.95 1.22 4.25
CA LEU A 183 -15.58 0.88 4.66
C LEU A 183 -15.23 1.63 5.94
N ASP A 184 -14.54 0.96 6.86
CA ASP A 184 -14.13 1.61 8.09
C ASP A 184 -13.04 2.61 7.77
N PHE A 185 -12.19 2.26 6.82
CA PHE A 185 -11.15 3.20 6.37
C PHE A 185 -10.69 2.83 4.98
N VAL A 186 -10.11 3.81 4.30
CA VAL A 186 -9.65 3.67 2.92
C VAL A 186 -8.15 3.89 2.85
N ASN A 187 -7.42 2.85 2.47
CA ASN A 187 -5.96 2.92 2.36
C ASN A 187 -5.58 3.43 0.98
N LEU A 188 -5.39 4.74 0.87
CA LEU A 188 -5.06 5.35 -0.41
C LEU A 188 -3.62 5.07 -0.80
N MET A 189 -3.44 4.36 -1.91
CA MET A 189 -2.10 4.03 -2.39
C MET A 189 -1.54 5.26 -3.11
N ALA A 190 -1.15 6.26 -2.32
CA ALA A 190 -0.60 7.50 -2.86
C ALA A 190 0.87 7.33 -3.22
N TYR A 191 1.13 6.40 -4.13
CA TYR A 191 2.46 6.09 -4.60
C TYR A 191 2.32 5.28 -5.89
N ASP A 192 3.44 4.88 -6.47
CA ASP A 192 3.44 4.13 -7.73
C ASP A 192 2.85 5.02 -8.84
N PHE A 193 2.99 6.34 -8.67
CA PHE A 193 2.49 7.31 -9.64
C PHE A 193 3.30 7.25 -10.93
N HIS A 194 4.58 6.92 -10.80
CA HIS A 194 5.51 6.80 -11.92
C HIS A 194 6.36 5.57 -11.68
N GLY A 195 6.79 4.91 -12.75
CA GLY A 195 7.59 3.71 -12.61
C GLY A 195 8.28 3.38 -13.92
N SER A 196 9.10 2.34 -13.93
CA SER A 196 9.84 1.99 -15.13
C SER A 196 9.00 1.53 -16.31
N TRP A 197 7.68 1.49 -16.13
CA TRP A 197 6.82 1.15 -17.25
C TRP A 197 6.75 2.39 -18.15
N GLU A 198 7.24 3.53 -17.63
CA GLU A 198 7.25 4.77 -18.40
C GLU A 198 8.62 5.01 -19.05
N LYS A 199 8.63 5.69 -20.19
CA LYS A 199 9.87 5.95 -20.91
C LYS A 199 10.72 7.11 -20.41
N VAL A 200 10.28 7.79 -19.35
CA VAL A 200 11.06 8.88 -18.79
C VAL A 200 11.03 8.75 -17.29
N THR A 201 12.02 9.36 -16.62
CA THR A 201 12.06 9.27 -15.17
C THR A 201 10.93 10.07 -14.55
N GLY A 202 10.45 9.60 -13.40
CA GLY A 202 9.37 10.28 -12.71
C GLY A 202 9.39 9.77 -11.28
N HIS A 203 8.94 10.58 -10.34
CA HIS A 203 8.96 10.16 -8.94
C HIS A 203 7.81 9.24 -8.55
N ASN A 204 8.16 8.21 -7.79
CA ASN A 204 7.21 7.23 -7.30
C ASN A 204 6.06 7.86 -6.52
N SER A 205 6.35 8.90 -5.75
CA SER A 205 5.33 9.48 -4.88
C SER A 205 5.50 10.97 -4.63
N PRO A 206 5.30 11.82 -5.66
CA PRO A 206 5.45 13.27 -5.49
C PRO A 206 4.23 13.86 -4.78
N LEU A 207 4.45 14.82 -3.90
CA LEU A 207 3.35 15.43 -3.17
C LEU A 207 2.50 16.32 -4.06
N TYR A 208 3.14 17.08 -4.94
CA TYR A 208 2.44 17.98 -5.85
C TYR A 208 2.97 17.78 -7.26
N LYS A 209 2.32 18.40 -8.24
CA LYS A 209 2.77 18.27 -9.62
C LYS A 209 3.91 19.25 -9.86
N ARG A 210 4.67 19.02 -10.94
CA ARG A 210 5.75 19.91 -11.31
C ARG A 210 5.08 21.08 -12.02
N GLN A 211 5.63 22.28 -11.90
CA GLN A 211 5.03 23.44 -12.54
C GLN A 211 4.79 23.25 -14.02
N GLU A 212 5.72 22.61 -14.72
CA GLU A 212 5.57 22.41 -16.16
C GLU A 212 4.63 21.27 -16.56
N GLU A 213 4.07 20.54 -15.60
CA GLU A 213 3.14 19.47 -15.94
C GLU A 213 1.74 20.04 -16.17
N SER A 214 0.99 19.41 -17.07
CA SER A 214 -0.37 19.84 -17.37
C SER A 214 -1.20 18.62 -17.76
N GLY A 215 -2.51 18.81 -17.90
CA GLY A 215 -3.37 17.71 -18.28
C GLY A 215 -3.38 16.55 -17.30
N ALA A 216 -3.57 15.34 -17.81
CA ALA A 216 -3.61 14.14 -16.97
C ALA A 216 -2.34 13.98 -16.14
N ALA A 217 -1.22 14.43 -16.70
CA ALA A 217 0.06 14.34 -16.00
C ALA A 217 0.05 15.13 -14.70
N ALA A 218 -0.66 16.25 -14.69
CA ALA A 218 -0.72 17.11 -13.52
C ALA A 218 -1.53 16.52 -12.36
N SER A 219 -2.09 15.34 -12.55
CA SER A 219 -2.87 14.70 -11.49
C SER A 219 -2.18 13.49 -10.90
N LEU A 220 -0.97 13.19 -11.40
CA LEU A 220 -0.21 12.05 -10.89
C LEU A 220 0.65 12.50 -9.71
N ASN A 221 -0.02 12.88 -8.63
CA ASN A 221 0.65 13.30 -7.41
C ASN A 221 -0.30 13.10 -6.24
N VAL A 222 0.26 13.05 -5.04
CA VAL A 222 -0.51 12.82 -3.83
C VAL A 222 -1.66 13.79 -3.60
N ASP A 223 -1.37 15.09 -3.72
CA ASP A 223 -2.40 16.10 -3.50
C ASP A 223 -3.60 15.90 -4.40
N ALA A 224 -3.36 15.61 -5.67
CA ALA A 224 -4.46 15.40 -6.61
C ALA A 224 -5.28 14.17 -6.24
N ALA A 225 -4.60 13.11 -5.80
CA ALA A 225 -5.27 11.86 -5.43
C ALA A 225 -6.15 12.08 -4.20
N VAL A 226 -5.61 12.77 -3.20
CA VAL A 226 -6.36 13.04 -1.98
C VAL A 226 -7.58 13.90 -2.33
N GLN A 227 -7.36 14.95 -3.10
CA GLN A 227 -8.45 15.85 -3.49
C GLN A 227 -9.53 15.05 -4.21
N GLN A 228 -9.10 14.12 -5.05
CA GLN A 228 -10.02 13.29 -5.81
C GLN A 228 -10.90 12.43 -4.90
N TRP A 229 -10.27 11.69 -3.99
CA TRP A 229 -11.03 10.82 -3.09
C TRP A 229 -11.95 11.58 -2.15
N LEU A 230 -11.55 12.79 -1.76
CA LEU A 230 -12.39 13.61 -0.89
C LEU A 230 -13.55 14.17 -1.71
N GLN A 231 -13.25 14.67 -2.90
CA GLN A 231 -14.26 15.26 -3.76
C GLN A 231 -15.34 14.26 -4.16
N LYS A 232 -14.95 13.00 -4.32
CA LYS A 232 -15.90 11.97 -4.69
C LYS A 232 -16.71 11.41 -3.52
N GLY A 233 -16.52 11.94 -2.32
CA GLY A 233 -17.29 11.47 -1.19
C GLY A 233 -16.62 10.73 -0.03
N THR A 234 -15.31 10.63 -0.02
CA THR A 234 -14.66 9.92 1.09
C THR A 234 -14.52 10.82 2.33
N PRO A 235 -15.08 10.38 3.47
CA PRO A 235 -14.98 11.17 4.70
C PRO A 235 -13.48 11.31 5.02
N ALA A 236 -13.04 12.53 5.34
CA ALA A 236 -11.64 12.76 5.64
C ALA A 236 -11.04 11.80 6.67
N SER A 237 -11.80 11.51 7.72
CA SER A 237 -11.34 10.61 8.77
C SER A 237 -11.14 9.18 8.28
N LYS A 238 -11.78 8.82 7.17
CA LYS A 238 -11.63 7.47 6.62
C LYS A 238 -10.52 7.39 5.58
N LEU A 239 -10.03 8.55 5.13
CA LEU A 239 -8.98 8.56 4.12
C LEU A 239 -7.61 8.49 4.78
N ILE A 240 -6.96 7.34 4.62
CA ILE A 240 -5.64 7.11 5.23
C ILE A 240 -4.57 7.29 4.13
N LEU A 241 -3.68 8.25 4.30
CA LEU A 241 -2.69 8.54 3.27
C LEU A 241 -1.50 7.59 3.20
N GLY A 242 -1.42 6.84 2.10
CA GLY A 242 -0.33 5.90 1.91
C GLY A 242 1.01 6.58 1.71
N MET A 243 2.06 5.95 2.26
CA MET A 243 3.43 6.44 2.21
C MET A 243 4.31 5.26 1.79
N PRO A 244 5.25 5.47 0.85
CA PRO A 244 6.12 4.37 0.42
C PRO A 244 7.50 4.33 1.07
N THR A 245 7.89 3.17 1.60
CA THR A 245 9.22 3.05 2.19
C THR A 245 10.15 2.41 1.17
N TYR A 246 9.91 2.73 -0.10
CA TYR A 246 10.69 2.23 -1.22
C TYR A 246 10.64 3.28 -2.32
N GLY A 247 11.50 3.14 -3.31
CA GLY A 247 11.52 4.07 -4.42
C GLY A 247 11.43 3.29 -5.72
N ARG A 248 11.25 4.01 -6.83
CA ARG A 248 11.18 3.35 -8.12
C ARG A 248 12.37 3.82 -8.95
N SER A 249 13.03 2.87 -9.58
CA SER A 249 14.25 3.12 -10.35
C SER A 249 14.16 3.03 -11.86
N PHE A 250 15.08 3.73 -12.51
CA PHE A 250 15.16 3.75 -13.96
C PHE A 250 16.61 3.67 -14.39
N THR A 251 16.85 3.18 -15.59
CA THR A 251 18.19 3.19 -16.15
C THR A 251 18.07 4.37 -17.12
N LEU A 252 19.01 5.31 -17.04
CA LEU A 252 18.98 6.51 -17.88
C LEU A 252 19.48 6.29 -19.30
N ALA A 253 18.90 7.03 -20.25
CA ALA A 253 19.30 6.94 -21.66
C ALA A 253 20.68 7.59 -21.79
N SER A 254 21.00 8.46 -20.83
CA SER A 254 22.29 9.13 -20.79
C SER A 254 22.59 9.67 -19.41
N SER A 255 23.81 9.41 -18.94
CA SER A 255 24.22 9.91 -17.63
C SER A 255 24.29 11.43 -17.66
N SER A 256 24.25 12.02 -18.86
CA SER A 256 24.32 13.47 -19.01
C SER A 256 22.99 14.17 -18.71
N ASP A 257 21.91 13.41 -18.65
CA ASP A 257 20.61 14.00 -18.32
C ASP A 257 20.01 13.19 -17.19
N THR A 258 20.10 13.74 -15.98
CA THR A 258 19.61 13.08 -14.79
C THR A 258 18.41 13.79 -14.17
N ARG A 259 17.75 14.61 -14.98
CA ARG A 259 16.60 15.38 -14.52
C ARG A 259 15.33 14.54 -14.41
N VAL A 260 14.37 15.07 -13.66
CA VAL A 260 13.08 14.40 -13.54
C VAL A 260 12.49 14.56 -14.93
N GLY A 261 12.04 13.47 -15.53
CA GLY A 261 11.48 13.56 -16.87
C GLY A 261 12.49 13.26 -17.97
N ALA A 262 13.72 12.93 -17.59
CA ALA A 262 14.77 12.58 -18.55
C ALA A 262 14.46 11.22 -19.18
N PRO A 263 14.86 11.03 -20.45
CA PRO A 263 14.62 9.76 -21.14
C PRO A 263 15.23 8.59 -20.36
N ALA A 264 14.49 7.49 -20.29
CA ALA A 264 14.95 6.28 -19.59
C ALA A 264 14.84 5.08 -20.54
N THR A 265 15.68 4.07 -20.33
CA THR A 265 15.66 2.89 -21.19
C THR A 265 14.98 1.67 -20.56
N GLY A 266 14.55 1.82 -19.32
CA GLY A 266 13.89 0.71 -18.66
C GLY A 266 14.13 0.76 -17.16
N SER A 267 13.86 -0.35 -16.48
CA SER A 267 14.04 -0.41 -15.03
C SER A 267 15.49 -0.21 -14.60
N GLY A 268 15.66 0.25 -13.36
CA GLY A 268 17.00 0.41 -12.83
C GLY A 268 17.45 -0.97 -12.39
N THR A 269 18.74 -1.12 -12.13
CA THR A 269 19.31 -2.39 -11.68
C THR A 269 18.59 -2.91 -10.44
N PRO A 270 18.27 -4.22 -10.40
CA PRO A 270 17.58 -4.77 -9.22
C PRO A 270 18.42 -4.55 -7.97
N GLY A 271 17.76 -4.37 -6.83
CA GLY A 271 18.49 -4.19 -5.59
C GLY A 271 19.12 -5.50 -5.15
N PRO A 272 20.21 -5.46 -4.37
CA PRO A 272 20.88 -6.68 -3.92
C PRO A 272 20.00 -7.60 -3.05
N PHE A 273 19.07 -7.00 -2.31
CA PHE A 273 18.18 -7.77 -1.45
C PHE A 273 16.76 -7.95 -1.98
N THR A 274 16.18 -6.90 -2.54
CA THR A 274 14.82 -7.00 -3.06
C THR A 274 14.76 -7.72 -4.40
N LYS A 275 15.81 -7.60 -5.19
CA LYS A 275 15.90 -8.29 -6.47
C LYS A 275 14.71 -8.10 -7.41
N GLU A 276 14.22 -6.88 -7.51
CA GLU A 276 13.09 -6.58 -8.37
C GLU A 276 13.42 -5.31 -9.14
N GLY A 277 13.85 -5.48 -10.40
CA GLY A 277 14.19 -4.32 -11.21
C GLY A 277 13.06 -3.33 -11.24
N GLY A 278 13.37 -2.04 -11.09
CA GLY A 278 12.32 -1.04 -11.12
C GLY A 278 11.98 -0.48 -9.74
N MET A 279 12.43 -1.16 -8.69
CA MET A 279 12.19 -0.66 -7.35
C MET A 279 13.38 -0.98 -6.44
N LEU A 280 13.45 -0.27 -5.32
CA LEU A 280 14.52 -0.47 -4.34
C LEU A 280 13.93 -0.14 -2.97
N ALA A 281 14.31 -0.90 -1.97
CA ALA A 281 13.84 -0.65 -0.60
C ALA A 281 14.56 0.60 -0.12
N TYR A 282 14.00 1.28 0.88
CA TYR A 282 14.65 2.46 1.41
C TYR A 282 16.05 2.10 1.90
N TYR A 283 16.20 0.94 2.53
CA TYR A 283 17.52 0.56 3.04
C TYR A 283 18.55 0.30 1.95
N GLU A 284 18.09 0.14 0.72
CA GLU A 284 19.01 -0.10 -0.40
C GLU A 284 19.45 1.21 -1.05
N VAL A 285 18.74 2.30 -0.76
CA VAL A 285 19.06 3.60 -1.33
C VAL A 285 19.64 4.62 -0.34
N CYS A 286 19.20 4.54 0.91
CA CYS A 286 19.63 5.49 1.94
C CYS A 286 21.14 5.66 2.15
N SER A 287 21.92 4.64 1.81
CA SER A 287 23.37 4.73 2.00
C SER A 287 24.22 4.65 0.74
N TRP A 288 23.62 4.98 -0.40
CA TRP A 288 24.32 4.97 -1.67
C TRP A 288 25.55 5.86 -1.59
N LYS A 289 26.71 5.33 -1.97
CA LYS A 289 27.91 6.11 -1.95
C LYS A 289 28.28 6.53 -3.37
N GLY A 290 28.92 7.69 -3.49
CA GLY A 290 29.31 8.18 -4.80
C GLY A 290 28.11 8.56 -5.63
N ALA A 291 26.97 8.74 -4.95
CA ALA A 291 25.74 9.10 -5.63
C ALA A 291 25.46 10.59 -5.43
N THR A 292 24.42 11.09 -6.08
CA THR A 292 24.05 12.49 -5.97
C THR A 292 22.56 12.56 -5.68
N LYS A 293 22.22 13.11 -4.52
CA LYS A 293 20.82 13.25 -4.12
C LYS A 293 20.35 14.68 -4.36
N GLN A 294 19.15 14.83 -4.87
CA GLN A 294 18.61 16.16 -5.14
C GLN A 294 17.13 16.16 -4.81
N ARG A 295 16.60 17.29 -4.36
CA ARG A 295 15.17 17.34 -4.04
C ARG A 295 14.41 18.01 -5.18
N ILE A 296 13.24 17.48 -5.49
CA ILE A 296 12.41 18.06 -6.54
C ILE A 296 11.65 19.17 -5.84
N GLN A 297 12.06 20.41 -6.07
CA GLN A 297 11.45 21.57 -5.42
C GLN A 297 9.92 21.59 -5.36
N ASP A 298 9.27 21.49 -6.51
CA ASP A 298 7.81 21.54 -6.54
C ASP A 298 7.12 20.33 -5.91
N GLN A 299 7.74 19.17 -6.03
CA GLN A 299 7.12 17.95 -5.53
C GLN A 299 7.47 17.54 -4.11
N LYS A 300 8.42 18.23 -3.50
CA LYS A 300 8.82 17.99 -2.11
C LYS A 300 9.31 16.58 -1.80
N VAL A 301 9.95 15.95 -2.77
CA VAL A 301 10.47 14.59 -2.61
C VAL A 301 11.85 14.51 -3.28
N PRO A 302 12.70 13.58 -2.82
CA PRO A 302 14.03 13.45 -3.40
C PRO A 302 14.20 12.34 -4.43
N TYR A 303 15.30 12.44 -5.18
CA TYR A 303 15.69 11.41 -6.13
C TYR A 303 17.20 11.35 -6.01
N ILE A 304 17.79 10.25 -6.44
CA ILE A 304 19.22 10.10 -6.34
C ILE A 304 19.70 9.39 -7.60
N PHE A 305 20.88 9.76 -8.09
CA PHE A 305 21.39 9.12 -9.29
C PHE A 305 22.88 8.84 -9.15
N ARG A 306 23.34 7.85 -9.91
CA ARG A 306 24.74 7.46 -9.89
C ARG A 306 24.96 6.78 -11.24
N ASP A 307 25.87 7.34 -12.04
CA ASP A 307 26.14 6.81 -13.38
C ASP A 307 24.83 6.82 -14.16
N ASN A 308 24.37 5.66 -14.62
CA ASN A 308 23.12 5.60 -15.40
C ASN A 308 21.90 5.12 -14.62
N GLN A 309 21.98 5.18 -13.29
CA GLN A 309 20.88 4.75 -12.43
C GLN A 309 20.21 5.98 -11.81
N TRP A 310 18.88 5.97 -11.75
CA TRP A 310 18.10 7.09 -11.23
C TRP A 310 16.98 6.52 -10.38
N VAL A 311 16.83 7.00 -9.14
CA VAL A 311 15.80 6.48 -8.26
C VAL A 311 15.05 7.59 -7.52
N GLY A 312 13.73 7.56 -7.59
CA GLY A 312 12.92 8.54 -6.89
C GLY A 312 12.41 7.80 -5.67
N PHE A 313 12.63 8.34 -4.48
CA PHE A 313 12.21 7.68 -3.25
C PHE A 313 11.78 8.70 -2.20
N ASP A 314 11.40 8.20 -1.04
CA ASP A 314 10.99 9.06 0.07
C ASP A 314 11.96 8.92 1.22
N ASP A 315 12.23 10.04 1.89
CA ASP A 315 13.13 10.03 3.03
C ASP A 315 12.42 10.59 4.26
N VAL A 316 13.15 10.74 5.35
CA VAL A 316 12.54 11.26 6.57
C VAL A 316 11.90 12.63 6.33
N GLU A 317 12.60 13.49 5.58
CA GLU A 317 12.06 14.82 5.32
C GLU A 317 10.75 14.79 4.53
N SER A 318 10.68 13.96 3.48
CA SER A 318 9.45 13.93 2.70
C SER A 318 8.30 13.30 3.50
N PHE A 319 8.61 12.36 4.38
CA PHE A 319 7.56 11.76 5.19
C PHE A 319 7.04 12.82 6.17
N LYS A 320 7.93 13.65 6.70
CA LYS A 320 7.51 14.71 7.61
C LYS A 320 6.58 15.68 6.87
N THR A 321 6.98 16.03 5.65
CA THR A 321 6.20 16.95 4.82
C THR A 321 4.80 16.41 4.53
N LYS A 322 4.72 15.12 4.24
CA LYS A 322 3.45 14.51 3.92
C LYS A 322 2.53 14.37 5.14
N VAL A 323 3.09 14.19 6.32
CA VAL A 323 2.24 14.09 7.50
C VAL A 323 1.70 15.49 7.82
N SER A 324 2.51 16.51 7.60
CA SER A 324 2.05 17.87 7.84
C SER A 324 0.88 18.13 6.91
N TYR A 325 1.01 17.62 5.69
CA TYR A 325 -0.02 17.77 4.68
C TYR A 325 -1.30 17.06 5.09
N LEU A 326 -1.18 15.81 5.52
CA LEU A 326 -2.39 15.07 5.88
C LEU A 326 -3.08 15.67 7.10
N LYS A 327 -2.29 16.24 8.01
CA LYS A 327 -2.88 16.87 9.20
C LYS A 327 -3.61 18.14 8.80
N GLN A 328 -3.05 18.87 7.84
CA GLN A 328 -3.65 20.11 7.37
C GLN A 328 -5.00 19.84 6.69
N LYS A 329 -5.10 18.70 6.02
CA LYS A 329 -6.32 18.30 5.33
C LYS A 329 -7.28 17.56 6.26
N GLY A 330 -6.83 17.28 7.48
CA GLY A 330 -7.67 16.57 8.44
C GLY A 330 -7.93 15.12 8.09
N LEU A 331 -6.95 14.47 7.47
CA LEU A 331 -7.11 13.06 7.09
C LEU A 331 -7.06 12.14 8.31
N GLY A 332 -7.51 10.90 8.14
CA GLY A 332 -7.56 9.95 9.23
C GLY A 332 -6.25 9.37 9.73
N GLY A 333 -5.16 9.61 9.01
CA GLY A 333 -3.87 9.08 9.43
C GLY A 333 -3.00 8.72 8.25
N ALA A 334 -1.98 7.92 8.49
CA ALA A 334 -1.07 7.50 7.42
C ALA A 334 -1.07 5.98 7.27
N MET A 335 -0.74 5.50 6.08
CA MET A 335 -0.66 4.07 5.81
C MET A 335 0.71 3.90 5.18
N VAL A 336 1.31 2.72 5.33
CA VAL A 336 2.62 2.54 4.75
C VAL A 336 2.90 1.17 4.17
N TRP A 337 3.50 1.17 2.99
CA TRP A 337 3.91 -0.06 2.33
C TRP A 337 5.43 0.11 2.20
N ALA A 338 6.24 -0.70 2.89
CA ALA A 338 5.78 -1.77 3.77
C ALA A 338 6.83 -1.89 4.88
N LEU A 339 6.46 -2.56 5.96
CA LEU A 339 7.36 -2.73 7.09
C LEU A 339 8.76 -3.24 6.72
N ASP A 340 8.81 -4.25 5.88
CA ASP A 340 10.07 -4.87 5.50
C ASP A 340 10.94 -4.09 4.52
N LEU A 341 10.45 -2.96 4.01
CA LEU A 341 11.22 -2.15 3.06
C LEU A 341 11.88 -0.96 3.75
N ASP A 342 11.41 -0.62 4.94
CA ASP A 342 11.99 0.45 5.74
C ASP A 342 13.26 -0.21 6.28
N ASP A 343 14.18 0.56 6.88
CA ASP A 343 15.37 -0.08 7.44
C ASP A 343 14.93 -0.58 8.82
N PHE A 344 14.10 -1.62 8.82
CA PHE A 344 13.55 -2.14 10.06
C PHE A 344 14.54 -2.52 11.16
N ALA A 345 15.65 -3.14 10.78
CA ALA A 345 16.65 -3.55 11.75
C ALA A 345 17.76 -2.52 11.94
N GLY A 346 17.59 -1.36 11.31
CA GLY A 346 18.57 -0.29 11.42
C GLY A 346 19.98 -0.70 11.03
N PHE A 347 20.07 -1.63 10.07
CA PHE A 347 21.36 -2.13 9.63
C PHE A 347 22.01 -1.39 8.46
N SER A 348 21.27 -0.50 7.81
CA SER A 348 21.83 0.18 6.65
C SER A 348 21.91 1.69 6.65
N CYS A 349 20.90 2.34 7.22
CA CYS A 349 20.83 3.80 7.17
C CYS A 349 21.40 4.65 8.30
N ASN A 350 21.85 4.03 9.39
CA ASN A 350 22.40 4.78 10.51
C ASN A 350 21.37 5.78 11.04
N GLN A 351 20.10 5.39 11.02
CA GLN A 351 19.02 6.24 11.51
C GLN A 351 18.16 5.52 12.54
N GLY A 352 18.69 4.44 13.10
CA GLY A 352 17.95 3.68 14.09
C GLY A 352 16.99 2.69 13.45
N ARG A 353 16.12 2.11 14.27
CA ARG A 353 15.15 1.12 13.77
C ARG A 353 13.96 1.82 13.11
N TYR A 354 13.51 1.26 11.98
CA TYR A 354 12.34 1.82 11.28
C TYR A 354 12.40 3.34 11.17
N PRO A 355 13.47 3.89 10.58
CA PRO A 355 13.59 5.34 10.45
C PRO A 355 12.40 6.04 9.78
N LEU A 356 11.88 5.47 8.70
CA LEU A 356 10.74 6.10 8.02
C LEU A 356 9.42 5.95 8.78
N ILE A 357 9.07 4.73 9.18
CA ILE A 357 7.81 4.53 9.87
C ILE A 357 7.80 5.16 11.26
N GLN A 358 8.95 5.20 11.92
CA GLN A 358 9.02 5.82 13.24
C GLN A 358 8.76 7.31 13.06
N THR A 359 9.18 7.86 11.91
CA THR A 359 8.95 9.27 11.61
C THR A 359 7.44 9.48 11.51
N LEU A 360 6.75 8.57 10.85
CA LEU A 360 5.30 8.69 10.71
C LEU A 360 4.65 8.65 12.11
N ARG A 361 5.11 7.75 12.96
CA ARG A 361 4.54 7.62 14.31
C ARG A 361 4.77 8.90 15.12
N GLN A 362 6.00 9.39 15.12
CA GLN A 362 6.33 10.60 15.87
C GLN A 362 5.59 11.83 15.35
N GLU A 363 5.53 11.98 14.03
CA GLU A 363 4.86 13.13 13.44
C GLU A 363 3.35 13.10 13.64
N LEU A 364 2.75 11.91 13.57
CA LEU A 364 1.31 11.79 13.76
C LEU A 364 0.96 12.09 15.21
N SER A 365 1.77 11.57 16.13
CA SER A 365 1.54 11.78 17.56
C SER A 365 1.84 13.23 17.96
N LEU A 366 2.82 13.81 17.43
C 0AR B 1 5.32 -4.00 -8.71
N 0AR B 1 2.90 -3.86 -8.94
O 0AR B 1 5.50 -2.80 -8.58
CA 0AR B 1 4.10 -4.49 -9.51
CB 0AR B 1 4.29 -4.03 -10.95
CD 0AR B 1 3.52 -4.21 -13.34
NE 0AR B 1 2.92 -2.87 -13.32
CG 0AR B 1 3.42 -4.82 -11.94
CZ 0AR B 1 2.79 -2.14 -14.42
C0B 0AR B 1 1.99 -0.11 -15.33
O0C 0AR B 1 2.32 -0.42 -16.48
C1B 0AR B 1 1.32 1.24 -15.06
NH1 0AR B 1 3.25 -2.57 -15.59
NH2 0AR B 1 2.21 -0.94 -14.30
N DPR B 2 6.15 -4.88 -8.15
CA DPR B 2 7.34 -4.38 -7.42
CB DPR B 2 8.25 -5.62 -7.42
CG DPR B 2 7.22 -6.71 -7.10
CD DPR B 2 6.16 -6.34 -8.15
C DPR B 2 7.05 -3.99 -5.96
O DPR B 2 8.00 -3.82 -5.19
N HSE B 3 5.79 -3.80 -5.59
CA HSE B 3 5.50 -3.44 -4.19
C HSE B 3 4.05 -3.79 -3.83
C3 HSE B 3 5.53 -1.93 -3.93
O HSE B 3 3.66 -4.95 -3.69
C4 HSE B 3 4.06 -1.51 -4.08
O3 HSE B 3 3.77 -1.06 -5.41
N HIS B 4 3.26 -2.72 -3.77
CA HIS B 4 1.85 -2.89 -3.41
C HIS B 4 1.16 -3.41 -4.68
C1' UN1 B 5 1.52 -0.78 -10.71
O1' UN1 B 5 2.08 -1.86 -10.84
O2' UN1 B 5 1.16 -0.16 -11.72
O UN1 B 5 3.14 -4.91 -6.96
C1 UN1 B 5 1.29 -0.18 -9.32
C UN1 B 5 2.52 -4.14 -7.69
CA UN1 B 5 1.28 -3.43 -7.14
C5 UN1 B 5 0.77 -2.31 -8.05
C6 UN1 B 5 1.73 -1.13 -8.20
N UN1 B 5 1.70 -2.97 -5.81
C1 GOL C . -1.94 2.60 -8.59
O1 GOL C . -2.22 1.45 -7.79
C2 GOL C . -1.36 3.71 -7.70
O2 GOL C . -2.30 4.03 -6.67
C3 GOL C . -1.07 4.95 -8.55
O3 GOL C . -2.27 5.41 -9.19
C1 GOL D . 10.09 2.31 19.69
O1 GOL D . 10.17 0.92 20.04
C2 GOL D . 8.74 2.88 20.13
O2 GOL D . 8.60 2.77 21.55
C3 GOL D . 7.59 2.11 19.44
O3 GOL D . 7.70 2.26 18.02
C1 GOL E . 7.43 -3.22 -12.95
O1 GOL E . 8.40 -3.47 -13.96
C2 GOL E . 7.94 -2.15 -11.98
O2 GOL E . 8.25 -0.96 -12.71
C3 GOL E . 9.20 -2.64 -11.26
O3 GOL E . 8.88 -3.79 -10.45
C1 IPA F . 15.37 -4.12 -22.37
C2 IPA F . 16.86 -4.36 -22.58
C3 IPA F . 17.21 -5.84 -22.41
O2 IPA F . 17.65 -3.55 -21.70
S SO4 G . -5.53 -25.66 -17.96
O1 SO4 G . -5.74 -25.17 -19.32
O2 SO4 G . -4.18 -25.30 -17.51
O3 SO4 G . -6.54 -25.05 -17.07
O4 SO4 G . -5.68 -27.13 -17.93
#